data_9BRK
#
_entry.id   9BRK
#
_cell.length_a   137.521
_cell.length_b   137.521
_cell.length_c   70.748
_cell.angle_alpha   90.000
_cell.angle_beta   90.000
_cell.angle_gamma   90.000
#
_symmetry.space_group_name_H-M   'P 41 21 2'
#
loop_
_entity.id
_entity.type
_entity.pdbx_description
1 polymer 'G protein-coupled receptor kinase 5'
2 non-polymer 'tert-butyl (3R)-3-({5-[(Z)-(5-{[(1R)-1-(4-fluorophenyl)ethyl]carbamoyl}-2-oxo-1,2-dihydro-3H-indol-3-ylidene)methyl]-2,4-dimethyl-1H-pyrrol-3-yl}carbamoyl)piperazine-1-carboxylate'
3 water water
#
_entity_poly.entity_id   1
_entity_poly.type   'polypeptide(L)'
_entity_poly.pdbx_seq_one_letter_code
;MELENIVANTVLLKAREGGGGKRKGKSKKWKEILKFPHISQCEDLRRTIDRDYCSLCDKQPIGRLLFRQFCETRPGLECY
IQFLDSVAEYEVTPDEKLGEKGKEIMTKYLTPKSPVFIAQVGQDLVSQTEEKLLQKPCKELFSACAQSVHEYLRGEPFHE
YLDSMFFDRFLQWKWLERQPVTKNTFRQYRVLGKGGFGEVCACQVRATGKMYACKRLEKKRIKKRKGESMALNEKQILEK
VNSQFVVNLAYAYETKDALCLVLTIMNGGDLKFHIYNMGNPGFEEERALFYAAEILCGLEDLHRENTVYRNLKPENILLD
DYGHIRISDLGLAVKIPEGDLIRGRVGTVGYMAPEVLNNQRYGLSPDYWGLGCLIYEMIEGQSPFRGRKEKVKREEVDRR
VLETEEVYSHKFSEEAKSICKMLLTKDAKQRLGCQEEGAAEVKRHPFFRNMNFKRLEAGMLDPPFVPDPRAVYCKDVLDI
EQFSTVKGVNLDHTDDDFYSKFSTGSVSIPWQNEMIETECFKELNVFGPNGTLPPDLNRNHPPEPPKKGLLQRLFKRQHQ
NNSKSSPSSKTSFNHHINSNHVSSNSTGSSVDHHHHHH
;
_entity_poly.pdbx_strand_id   A
#
# COMPACT_ATOMS: atom_id res chain seq x y z
N GLY A 25 10.11 11.01 -19.59
CA GLY A 25 9.46 11.43 -20.81
C GLY A 25 8.26 12.34 -20.55
N LYS A 26 8.53 13.50 -19.96
CA LYS A 26 7.47 14.45 -19.66
C LYS A 26 7.05 15.20 -20.92
N SER A 27 5.77 15.58 -20.95
CA SER A 27 5.25 16.34 -22.07
C SER A 27 6.01 17.65 -22.23
N LYS A 28 6.18 18.09 -23.48
CA LYS A 28 6.95 19.30 -23.76
C LYS A 28 6.46 20.47 -22.91
N LYS A 29 5.16 20.59 -22.73
CA LYS A 29 4.60 21.71 -21.98
C LYS A 29 4.00 21.24 -20.66
N TRP A 30 4.76 20.45 -19.90
CA TRP A 30 4.24 19.92 -18.64
C TRP A 30 4.21 20.98 -17.54
N LYS A 31 5.17 21.92 -17.56
CA LYS A 31 5.14 22.99 -16.58
C LYS A 31 3.94 23.91 -16.78
N GLU A 32 3.35 23.92 -17.97
CA GLU A 32 2.09 24.62 -18.17
C GLU A 32 0.93 23.83 -17.61
N ILE A 33 0.95 22.50 -17.78
CA ILE A 33 -0.14 21.65 -17.28
C ILE A 33 -0.20 21.71 -15.76
N LEU A 34 0.92 21.40 -15.11
CA LEU A 34 1.00 21.47 -13.65
C LEU A 34 1.31 22.88 -13.15
N LYS A 35 1.09 23.91 -13.96
CA LYS A 35 1.31 25.28 -13.53
C LYS A 35 0.41 25.58 -12.34
N PHE A 36 0.99 26.13 -11.28
CA PHE A 36 0.22 26.43 -10.09
C PHE A 36 -0.89 27.42 -10.44
N PRO A 37 -2.11 27.22 -9.93
CA PRO A 37 -3.11 28.30 -9.98
C PRO A 37 -2.72 29.41 -9.02
N HIS A 38 -3.25 30.60 -9.27
CA HIS A 38 -3.05 31.70 -8.33
C HIS A 38 -3.82 31.39 -7.04
N ILE A 39 -3.22 31.73 -5.90
CA ILE A 39 -3.79 31.36 -4.61
C ILE A 39 -5.23 31.84 -4.47
N SER A 40 -5.63 32.86 -5.23
CA SER A 40 -7.02 33.33 -5.18
C SER A 40 -7.99 32.31 -5.77
N GLN A 41 -7.51 31.31 -6.49
CA GLN A 41 -8.37 30.29 -7.05
C GLN A 41 -8.76 29.22 -6.06
N CYS A 42 -8.13 29.20 -4.88
CA CYS A 42 -8.25 28.08 -3.95
C CYS A 42 -9.03 28.44 -2.70
N GLU A 43 -9.83 29.52 -2.73
CA GLU A 43 -10.59 29.89 -1.55
C GLU A 43 -11.63 28.84 -1.19
N ASP A 44 -12.31 28.28 -2.20
CA ASP A 44 -13.23 27.18 -1.94
C ASP A 44 -12.50 26.00 -1.32
N LEU A 45 -11.31 25.67 -1.85
CA LEU A 45 -10.49 24.63 -1.23
C LEU A 45 -10.26 24.92 0.25
N ARG A 46 -9.86 26.15 0.55
CA ARG A 46 -9.49 26.51 1.93
C ARG A 46 -10.64 26.27 2.89
N ARG A 47 -11.87 26.55 2.45
CA ARG A 47 -13.02 26.48 3.34
C ARG A 47 -13.63 25.09 3.47
N THR A 48 -13.17 24.11 2.68
CA THR A 48 -13.75 22.77 2.71
C THR A 48 -12.77 21.68 3.12
N ILE A 49 -11.46 21.88 2.93
CA ILE A 49 -10.48 20.90 3.38
C ILE A 49 -10.49 20.85 4.90
N ASP A 50 -10.71 19.67 5.45
CA ASP A 50 -10.65 19.51 6.91
C ASP A 50 -9.22 19.67 7.40
N ARG A 51 -9.06 20.50 8.42
CA ARG A 51 -7.73 20.84 8.94
C ARG A 51 -7.26 19.80 9.96
N ASP A 52 -7.23 18.55 9.53
CA ASP A 52 -6.78 17.45 10.37
C ASP A 52 -5.26 17.35 10.26
N TYR A 53 -4.58 17.41 11.42
CA TYR A 53 -3.12 17.43 11.43
C TYR A 53 -2.54 16.19 10.73
N CYS A 54 -2.99 15.01 11.14
CA CYS A 54 -2.43 13.79 10.57
C CYS A 54 -2.63 13.72 9.06
N SER A 55 -3.75 14.25 8.56
CA SER A 55 -4.00 14.19 7.12
C SER A 55 -3.11 15.17 6.36
N LEU A 56 -3.01 16.40 6.85
CA LEU A 56 -2.34 17.46 6.10
C LEU A 56 -0.83 17.48 6.30
N CYS A 57 -0.32 16.85 7.36
CA CYS A 57 1.11 16.90 7.66
C CYS A 57 1.77 15.53 7.65
N ASP A 58 1.03 14.46 7.38
CA ASP A 58 1.61 13.13 7.41
C ASP A 58 1.05 12.21 6.33
N LYS A 59 -0.24 11.85 6.44
CA LYS A 59 -0.82 10.89 5.51
C LYS A 59 -0.70 11.36 4.07
N GLN A 60 -0.92 12.64 3.80
CA GLN A 60 -0.82 13.16 2.45
C GLN A 60 0.64 13.50 2.13
N PRO A 61 1.25 12.83 1.15
CA PRO A 61 2.70 13.02 0.94
C PRO A 61 3.13 14.47 0.77
N ILE A 62 2.46 15.22 -0.11
CA ILE A 62 2.89 16.58 -0.38
C ILE A 62 2.61 17.46 0.82
N GLY A 63 1.52 17.20 1.53
CA GLY A 63 1.27 17.93 2.77
C GLY A 63 2.35 17.68 3.79
N ARG A 64 2.82 16.43 3.89
CA ARG A 64 3.90 16.10 4.80
C ARG A 64 5.16 16.89 4.48
N LEU A 65 5.53 16.94 3.19
CA LEU A 65 6.74 17.68 2.82
C LEU A 65 6.58 19.17 3.08
N LEU A 66 5.44 19.76 2.72
CA LEU A 66 5.26 21.20 2.88
C LEU A 66 5.29 21.59 4.36
N PHE A 67 4.70 20.77 5.23
CA PHE A 67 4.77 21.07 6.65
C PHE A 67 6.20 20.95 7.17
N ARG A 68 6.91 19.89 6.76
CA ARG A 68 8.31 19.78 7.11
C ARG A 68 9.10 20.98 6.62
N GLN A 69 8.78 21.47 5.42
CA GLN A 69 9.48 22.63 4.87
C GLN A 69 9.12 23.90 5.65
N PHE A 70 7.90 24.01 6.15
CA PHE A 70 7.56 25.11 7.05
C PHE A 70 8.42 25.07 8.30
N CYS A 71 8.59 23.88 8.88
CA CYS A 71 9.45 23.75 10.05
C CYS A 71 10.91 24.04 9.72
N GLU A 72 11.29 23.95 8.44
CA GLU A 72 12.65 24.30 8.03
C GLU A 72 12.93 25.79 8.16
N THR A 73 11.89 26.61 8.32
CA THR A 73 12.05 28.06 8.40
C THR A 73 12.13 28.57 9.84
N ARG A 74 11.46 27.91 10.77
CA ARG A 74 11.53 28.30 12.17
C ARG A 74 12.67 27.57 12.85
N PRO A 75 13.63 28.28 13.47
CA PRO A 75 14.73 27.56 14.14
C PRO A 75 14.25 26.62 15.24
N GLY A 76 13.21 27.01 15.98
CA GLY A 76 12.75 26.17 17.08
C GLY A 76 12.16 24.85 16.61
N LEU A 77 11.48 24.85 15.46
CA LEU A 77 10.81 23.65 14.98
C LEU A 77 11.77 22.68 14.31
N GLU A 78 12.85 23.19 13.69
CA GLU A 78 13.72 22.34 12.90
C GLU A 78 14.18 21.12 13.68
N CYS A 79 14.44 21.29 14.99
CA CYS A 79 14.98 20.20 15.78
C CYS A 79 14.00 19.03 15.88
N TYR A 80 12.69 19.30 15.81
CA TYR A 80 11.71 18.23 15.97
C TYR A 80 11.61 17.36 14.74
N ILE A 81 11.74 17.95 13.55
CA ILE A 81 11.70 17.16 12.32
C ILE A 81 12.94 16.28 12.22
N GLN A 82 14.09 16.80 12.64
CA GLN A 82 15.31 15.99 12.63
C GLN A 82 15.20 14.83 13.60
N PHE A 83 14.59 15.06 14.77
CA PHE A 83 14.45 14.01 15.76
C PHE A 83 13.58 12.88 15.25
N LEU A 84 12.39 13.22 14.75
CA LEU A 84 11.48 12.20 14.24
C LEU A 84 12.13 11.39 13.12
N ASP A 85 13.00 12.01 12.32
CA ASP A 85 13.72 11.27 11.29
C ASP A 85 14.64 10.22 11.92
N SER A 86 15.37 10.60 12.96
CA SER A 86 16.30 9.66 13.60
C SER A 86 15.56 8.54 14.32
N VAL A 87 14.35 8.81 14.79
CA VAL A 87 13.56 7.75 15.42
C VAL A 87 13.13 6.72 14.38
N ALA A 88 12.65 7.19 13.23
CA ALA A 88 12.30 6.27 12.14
C ALA A 88 13.50 5.42 11.75
N GLU A 89 14.67 6.05 11.60
CA GLU A 89 15.88 5.28 11.33
C GLU A 89 16.16 4.28 12.44
N TYR A 90 15.92 4.68 13.70
CA TYR A 90 16.11 3.76 14.82
C TYR A 90 15.17 2.56 14.73
N GLU A 91 13.91 2.79 14.32
CA GLU A 91 12.94 1.71 14.30
C GLU A 91 13.38 0.56 13.40
N VAL A 92 13.92 0.88 12.23
CA VAL A 92 14.38 -0.14 11.29
C VAL A 92 15.87 -0.46 11.45
N THR A 93 16.50 0.03 12.50
CA THR A 93 17.91 -0.27 12.73
C THR A 93 18.05 -1.75 13.09
N PRO A 94 19.08 -2.42 12.56
CA PRO A 94 19.32 -3.81 12.96
C PRO A 94 19.45 -3.96 14.47
N ASP A 95 18.94 -5.08 14.98
CA ASP A 95 18.80 -5.24 16.42
C ASP A 95 20.12 -5.08 17.15
N GLU A 96 21.25 -5.39 16.50
CA GLU A 96 22.53 -5.29 17.18
C GLU A 96 22.95 -3.83 17.35
N LYS A 97 22.64 -2.98 16.37
CA LYS A 97 23.05 -1.59 16.40
C LYS A 97 21.97 -0.68 17.00
N LEU A 98 21.11 -1.22 17.86
CA LEU A 98 20.09 -0.41 18.51
C LEU A 98 20.68 0.43 19.64
N GLY A 99 21.48 -0.19 20.50
CA GLY A 99 22.15 0.57 21.54
C GLY A 99 22.99 1.71 20.97
N GLU A 100 23.75 1.42 19.91
CA GLU A 100 24.57 2.46 19.29
C GLU A 100 23.71 3.60 18.76
N LYS A 101 22.67 3.28 17.99
CA LYS A 101 21.79 4.32 17.46
C LYS A 101 21.01 5.01 18.56
N GLY A 102 20.62 4.28 19.61
CA GLY A 102 19.91 4.90 20.71
C GLY A 102 20.78 5.88 21.48
N LYS A 103 22.00 5.46 21.82
CA LYS A 103 22.93 6.36 22.49
C LYS A 103 23.17 7.61 21.66
N GLU A 104 23.33 7.44 20.34
CA GLU A 104 23.52 8.59 19.46
C GLU A 104 22.33 9.55 19.57
N ILE A 105 21.12 9.02 19.38
CA ILE A 105 19.92 9.86 19.44
C ILE A 105 19.81 10.54 20.79
N MET A 106 20.16 9.84 21.86
CA MET A 106 20.03 10.42 23.20
C MET A 106 20.92 11.65 23.35
N THR A 107 22.20 11.51 23.01
CA THR A 107 23.16 12.58 23.21
C THR A 107 23.05 13.67 22.16
N LYS A 108 22.16 13.53 21.18
CA LYS A 108 22.02 14.50 20.09
C LYS A 108 20.78 15.35 20.20
N TYR A 109 19.71 14.84 20.80
CA TYR A 109 18.43 15.54 20.83
C TYR A 109 17.92 15.81 22.23
N LEU A 110 18.08 14.86 23.15
CA LEU A 110 17.44 14.94 24.46
C LEU A 110 18.40 15.31 25.59
N THR A 111 19.64 15.68 25.27
CA THR A 111 20.53 16.21 26.30
C THR A 111 20.37 17.72 26.38
N PRO A 112 20.43 18.31 27.58
CA PRO A 112 20.03 19.73 27.72
C PRO A 112 20.81 20.71 26.87
N LYS A 113 22.14 20.74 27.02
CA LYS A 113 22.95 21.75 26.38
C LYS A 113 23.16 21.54 24.88
N SER A 114 22.49 20.57 24.28
CA SER A 114 22.66 20.33 22.85
C SER A 114 22.16 21.52 22.04
N PRO A 115 22.81 21.84 20.92
CA PRO A 115 22.27 22.89 20.04
C PRO A 115 20.94 22.50 19.40
N VAL A 116 20.65 21.21 19.34
CA VAL A 116 19.40 20.68 18.79
C VAL A 116 18.77 19.90 19.93
N PHE A 117 17.95 20.58 20.74
CA PHE A 117 17.39 20.00 21.96
C PHE A 117 15.88 19.98 21.88
N ILE A 118 15.29 18.82 22.18
CA ILE A 118 13.85 18.65 22.24
C ILE A 118 13.39 19.09 23.63
N ALA A 119 12.77 20.26 23.73
CA ALA A 119 12.34 20.79 25.00
C ALA A 119 10.89 20.49 25.34
N GLN A 120 10.04 20.29 24.33
CA GLN A 120 8.63 20.01 24.58
C GLN A 120 8.37 18.57 24.99
N VAL A 121 9.38 17.69 24.89
CA VAL A 121 9.24 16.34 25.43
C VAL A 121 9.23 16.36 26.95
N GLY A 122 9.81 17.40 27.56
CA GLY A 122 9.81 17.54 28.99
C GLY A 122 10.84 16.67 29.68
N GLN A 123 11.61 17.26 30.61
CA GLN A 123 12.59 16.49 31.36
C GLN A 123 11.98 15.28 32.05
N ASP A 124 10.65 15.27 32.23
CA ASP A 124 9.99 14.14 32.87
C ASP A 124 9.99 12.90 31.99
N LEU A 125 10.17 13.04 30.68
CA LEU A 125 10.23 11.90 29.78
C LEU A 125 11.63 11.63 29.23
N VAL A 126 12.52 12.62 29.23
CA VAL A 126 13.88 12.38 28.76
C VAL A 126 14.66 11.57 29.78
N SER A 127 14.36 11.75 31.07
CA SER A 127 15.00 10.94 32.11
C SER A 127 14.51 9.50 32.05
N GLN A 128 13.24 9.29 31.66
CA GLN A 128 12.74 7.93 31.46
C GLN A 128 13.44 7.25 30.29
N THR A 129 13.65 7.98 29.20
CA THR A 129 14.31 7.41 28.03
C THR A 129 15.74 7.00 28.35
N GLU A 130 16.41 7.70 29.25
CA GLU A 130 17.76 7.33 29.65
C GLU A 130 17.79 6.02 30.42
N GLU A 131 16.68 5.63 31.04
CA GLU A 131 16.62 4.35 31.73
C GLU A 131 16.36 3.21 30.76
N LYS A 132 15.50 3.44 29.76
CA LYS A 132 15.29 2.43 28.72
C LYS A 132 16.62 2.04 28.08
N LEU A 133 17.54 3.00 27.93
CA LEU A 133 18.84 2.72 27.37
C LEU A 133 19.78 2.07 28.39
N LEU A 134 19.56 2.35 29.68
CA LEU A 134 20.33 1.67 30.72
C LEU A 134 20.02 0.18 30.77
N GLN A 135 18.89 -0.24 30.22
CA GLN A 135 18.53 -1.65 30.11
C GLN A 135 18.56 -2.07 28.64
N LYS A 136 17.89 -3.18 28.32
CA LYS A 136 17.95 -3.72 26.98
C LYS A 136 17.38 -2.72 25.98
N PRO A 137 18.07 -2.47 24.86
CA PRO A 137 17.49 -1.60 23.82
C PRO A 137 16.33 -2.29 23.12
N CYS A 138 15.24 -1.56 22.94
CA CYS A 138 14.08 -2.00 22.19
C CYS A 138 13.82 -1.05 21.04
N LYS A 139 13.27 -1.58 19.94
CA LYS A 139 13.00 -0.79 18.75
C LYS A 139 11.88 0.23 18.93
N GLU A 140 11.28 0.30 20.13
CA GLU A 140 10.17 1.20 20.41
C GLU A 140 10.58 2.22 21.49
N LEU A 141 11.87 2.34 21.75
CA LEU A 141 12.35 3.08 22.91
C LEU A 141 11.93 4.55 22.84
N PHE A 142 11.92 5.12 21.65
CA PHE A 142 11.59 6.53 21.48
C PHE A 142 10.14 6.77 21.09
N SER A 143 9.30 5.74 21.15
CA SER A 143 7.90 5.91 20.79
C SER A 143 7.21 6.90 21.72
N ALA A 144 7.59 6.90 22.99
CA ALA A 144 6.99 7.86 23.93
C ALA A 144 7.36 9.29 23.55
N CYS A 145 8.63 9.53 23.21
CA CYS A 145 9.04 10.87 22.83
C CYS A 145 8.40 11.31 21.52
N ALA A 146 8.26 10.38 20.57
CA ALA A 146 7.71 10.74 19.27
C ALA A 146 6.28 11.26 19.39
N GLN A 147 5.44 10.59 20.17
CA GLN A 147 4.09 11.09 20.37
C GLN A 147 4.11 12.44 21.07
N SER A 148 4.94 12.59 22.10
CA SER A 148 5.06 13.88 22.77
C SER A 148 5.40 14.97 21.77
N VAL A 149 6.23 14.66 20.78
CA VAL A 149 6.59 15.65 19.76
C VAL A 149 5.39 15.96 18.88
N HIS A 150 4.71 14.91 18.37
CA HIS A 150 3.53 15.14 17.56
C HIS A 150 2.45 15.88 18.35
N GLU A 151 2.35 15.61 19.65
CA GLU A 151 1.40 16.36 20.48
C GLU A 151 1.72 17.84 20.50
N TYR A 152 3.00 18.19 20.33
CA TYR A 152 3.38 19.60 20.30
C TYR A 152 3.15 20.21 18.92
N LEU A 153 3.39 19.45 17.86
CA LEU A 153 3.22 19.99 16.51
C LEU A 153 1.75 20.11 16.15
N ARG A 154 0.90 19.26 16.72
CA ARG A 154 -0.53 19.40 16.52
C ARG A 154 -1.03 20.78 16.92
N GLY A 155 -0.41 21.40 17.92
CA GLY A 155 -0.82 22.70 18.39
C GLY A 155 -0.24 23.86 17.61
N GLU A 156 0.41 24.78 18.32
CA GLU A 156 0.86 26.03 17.71
C GLU A 156 1.58 25.84 16.38
N PRO A 157 2.52 24.91 16.23
CA PRO A 157 3.21 24.80 14.92
C PRO A 157 2.27 24.50 13.77
N PHE A 158 1.34 23.56 13.93
CA PHE A 158 0.42 23.23 12.84
C PHE A 158 -0.46 24.42 12.49
N HIS A 159 -1.02 25.09 13.49
CA HIS A 159 -1.90 26.23 13.22
C HIS A 159 -1.15 27.42 12.65
N GLU A 160 0.15 27.53 12.93
CA GLU A 160 0.97 28.52 12.23
C GLU A 160 1.17 28.12 10.77
N TYR A 161 1.52 26.85 10.54
CA TYR A 161 1.68 26.36 9.18
C TYR A 161 0.44 26.63 8.34
N LEU A 162 -0.75 26.52 8.96
CA LEU A 162 -1.98 26.75 8.22
C LEU A 162 -2.06 28.18 7.71
N ASP A 163 -1.57 29.14 8.49
CA ASP A 163 -1.55 30.52 8.06
C ASP A 163 -0.20 30.92 7.42
N SER A 164 0.54 29.96 6.91
CA SER A 164 1.81 30.21 6.23
C SER A 164 1.65 30.01 4.73
N MET A 165 2.64 30.48 3.98
CA MET A 165 2.57 30.34 2.54
C MET A 165 2.74 28.90 2.09
N PHE A 166 3.22 28.02 2.96
CA PHE A 166 3.37 26.62 2.60
C PHE A 166 2.04 25.89 2.57
N PHE A 167 1.07 26.33 3.39
CA PHE A 167 -0.26 25.76 3.28
C PHE A 167 -1.01 26.34 2.09
N ASP A 168 -0.73 27.59 1.72
CA ASP A 168 -1.27 28.12 0.48
C ASP A 168 -0.73 27.34 -0.70
N ARG A 169 0.56 26.97 -0.66
CA ARG A 169 1.14 26.13 -1.70
C ARG A 169 0.49 24.76 -1.70
N PHE A 170 0.17 24.25 -0.51
CA PHE A 170 -0.53 22.97 -0.43
C PHE A 170 -1.88 23.04 -1.13
N LEU A 171 -2.60 24.14 -0.93
CA LEU A 171 -3.89 24.31 -1.59
C LEU A 171 -3.74 24.39 -3.09
N GLN A 172 -2.62 24.93 -3.57
CA GLN A 172 -2.34 24.94 -5.00
C GLN A 172 -2.13 23.52 -5.52
N TRP A 173 -1.43 22.68 -4.76
CA TRP A 173 -1.27 21.29 -5.17
C TRP A 173 -2.59 20.54 -5.13
N LYS A 174 -3.40 20.78 -4.09
CA LYS A 174 -4.72 20.15 -4.05
C LYS A 174 -5.55 20.56 -5.27
N TRP A 175 -5.48 21.85 -5.64
CA TRP A 175 -6.21 22.33 -6.79
C TRP A 175 -5.86 21.53 -8.04
N LEU A 176 -4.57 21.26 -8.24
CA LEU A 176 -4.16 20.44 -9.37
C LEU A 176 -4.64 19.00 -9.23
N GLU A 177 -4.55 18.45 -8.02
CA GLU A 177 -5.05 17.09 -7.78
C GLU A 177 -6.50 16.95 -8.20
N ARG A 178 -7.32 17.97 -7.94
CA ARG A 178 -8.75 17.89 -8.24
C ARG A 178 -9.06 18.07 -9.71
N GLN A 179 -8.10 18.53 -10.52
CA GLN A 179 -8.39 18.78 -11.92
C GLN A 179 -8.93 17.53 -12.59
N PRO A 180 -9.76 17.69 -13.62
CA PRO A 180 -10.38 16.52 -14.25
C PRO A 180 -9.34 15.71 -15.01
N VAL A 181 -9.41 14.41 -14.88
CA VAL A 181 -8.54 13.50 -15.61
C VAL A 181 -9.34 12.95 -16.78
N THR A 182 -8.66 12.72 -17.89
CA THR A 182 -9.33 12.35 -19.12
C THR A 182 -8.44 11.42 -19.93
N LYS A 183 -9.01 10.89 -21.02
CA LYS A 183 -8.22 10.09 -21.95
C LYS A 183 -6.97 10.84 -22.40
N ASN A 184 -7.10 12.16 -22.62
CA ASN A 184 -5.95 12.95 -23.05
C ASN A 184 -4.91 13.13 -21.96
N THR A 185 -5.27 12.89 -20.70
CA THR A 185 -4.30 12.96 -19.61
C THR A 185 -3.25 11.87 -19.73
N PHE A 186 -3.56 10.78 -20.42
CA PHE A 186 -2.71 9.59 -20.47
C PHE A 186 -2.21 9.34 -21.88
N ARG A 187 -1.39 8.30 -22.01
CA ARG A 187 -0.73 7.97 -23.28
C ARG A 187 -0.65 6.44 -23.32
N GLN A 188 -1.60 5.82 -24.02
CA GLN A 188 -1.72 4.37 -24.02
C GLN A 188 -0.60 3.75 -24.86
N TYR A 189 0.00 2.67 -24.34
CA TYR A 189 1.12 2.03 -25.03
C TYR A 189 0.65 0.64 -25.47
N ARG A 190 1.10 -0.42 -24.81
CA ARG A 190 0.87 -1.79 -25.27
C ARG A 190 -0.18 -2.47 -24.41
N VAL A 191 -0.63 -3.63 -24.89
CA VAL A 191 -1.63 -4.42 -24.21
C VAL A 191 -0.93 -5.31 -23.19
N LEU A 192 -1.23 -5.10 -21.91
CA LEU A 192 -0.56 -5.81 -20.82
C LEU A 192 -1.41 -6.99 -20.33
N GLY A 193 -1.93 -7.78 -21.25
CA GLY A 193 -2.75 -8.93 -20.89
C GLY A 193 -4.22 -8.63 -21.01
N LYS A 194 -5.02 -9.65 -20.69
CA LYS A 194 -6.47 -9.54 -20.81
C LYS A 194 -7.13 -10.33 -19.69
N GLY A 195 -8.37 -9.97 -19.41
CA GLY A 195 -9.15 -10.65 -18.38
C GLY A 195 -10.62 -10.46 -18.64
N GLY A 196 -11.41 -10.46 -17.57
CA GLY A 196 -12.83 -10.23 -17.68
C GLY A 196 -13.14 -8.94 -18.39
N PHE A 197 -14.05 -8.99 -19.36
CA PHE A 197 -14.48 -7.83 -20.14
C PHE A 197 -13.39 -7.33 -21.08
N GLY A 198 -12.34 -6.72 -20.54
CA GLY A 198 -11.37 -6.00 -21.33
C GLY A 198 -9.94 -6.46 -21.09
N GLU A 199 -9.02 -5.50 -21.20
CA GLU A 199 -7.59 -5.77 -21.16
C GLU A 199 -6.87 -4.71 -20.35
N VAL A 200 -5.68 -5.07 -19.87
CA VAL A 200 -4.81 -4.14 -19.16
C VAL A 200 -3.98 -3.40 -20.21
N CYS A 201 -4.23 -2.10 -20.36
CA CYS A 201 -3.40 -1.27 -21.22
C CYS A 201 -2.21 -0.76 -20.39
N ALA A 202 -1.41 0.13 -20.97
CA ALA A 202 -0.18 0.61 -20.34
C ALA A 202 -0.15 2.13 -20.43
N CYS A 203 -0.74 2.79 -19.43
CA CYS A 203 -0.81 4.24 -19.48
C CYS A 203 0.54 4.86 -19.15
N GLN A 204 0.77 6.05 -19.68
CA GLN A 204 1.82 6.95 -19.22
C GLN A 204 1.20 8.31 -19.04
N VAL A 205 1.31 8.88 -17.85
CA VAL A 205 0.81 10.24 -17.63
C VAL A 205 1.65 11.20 -18.45
N ARG A 206 1.00 11.89 -19.40
CA ARG A 206 1.74 12.77 -20.29
C ARG A 206 2.53 13.82 -19.51
N ALA A 207 1.92 14.41 -18.48
CA ALA A 207 2.52 15.57 -17.84
C ALA A 207 3.71 15.19 -16.95
N THR A 208 3.72 13.97 -16.40
CA THR A 208 4.78 13.56 -15.50
C THR A 208 5.65 12.43 -16.04
N GLY A 209 5.14 11.62 -16.96
CA GLY A 209 5.89 10.54 -17.54
C GLY A 209 5.86 9.24 -16.77
N LYS A 210 5.04 9.14 -15.72
CA LYS A 210 4.99 7.92 -14.93
C LYS A 210 4.18 6.85 -15.63
N MET A 211 4.62 5.60 -15.49
CA MET A 211 3.95 4.45 -16.08
C MET A 211 2.92 3.87 -15.12
N TYR A 212 1.84 3.34 -15.69
CA TYR A 212 0.79 2.70 -14.93
C TYR A 212 0.30 1.50 -15.72
N ALA A 213 -0.84 0.94 -15.31
CA ALA A 213 -1.48 -0.17 -16.02
C ALA A 213 -2.98 0.12 -16.05
N CYS A 214 -3.47 0.60 -17.19
CA CYS A 214 -4.90 0.77 -17.34
C CYS A 214 -5.62 -0.56 -17.15
N LYS A 215 -6.91 -0.49 -16.89
CA LYS A 215 -7.76 -1.67 -16.77
C LYS A 215 -9.10 -1.29 -17.42
N ARG A 216 -9.15 -1.43 -18.73
CA ARG A 216 -10.27 -0.95 -19.52
C ARG A 216 -11.43 -1.95 -19.41
N LEU A 217 -12.37 -1.64 -18.52
CA LEU A 217 -13.60 -2.42 -18.40
C LEU A 217 -14.64 -1.84 -19.36
N GLU A 218 -15.02 -2.63 -20.36
CA GLU A 218 -15.91 -2.15 -21.40
C GLU A 218 -17.31 -1.90 -20.86
N LYS A 219 -17.90 -0.76 -21.25
CA LYS A 219 -19.22 -0.40 -20.75
C LYS A 219 -20.30 -1.34 -21.29
N LYS A 220 -20.25 -1.65 -22.59
CA LYS A 220 -21.27 -2.51 -23.17
C LYS A 220 -21.29 -3.89 -22.54
N ARG A 221 -20.18 -4.33 -21.96
CA ARG A 221 -20.06 -5.66 -21.38
C ARG A 221 -20.44 -5.65 -19.91
N ILE A 222 -20.26 -4.52 -19.23
CA ILE A 222 -20.72 -4.40 -17.85
C ILE A 222 -22.24 -4.42 -17.79
N LYS A 223 -22.88 -3.61 -18.63
CA LYS A 223 -24.34 -3.56 -18.63
C LYS A 223 -24.95 -4.85 -19.15
N LYS A 224 -24.39 -5.40 -20.23
CA LYS A 224 -24.88 -6.66 -20.76
C LYS A 224 -24.86 -7.75 -19.69
N ARG A 225 -23.78 -7.82 -18.91
CA ARG A 225 -23.70 -8.79 -17.82
C ARG A 225 -24.55 -8.36 -16.62
N LYS A 226 -24.79 -7.05 -16.47
CA LYS A 226 -25.44 -6.50 -15.28
C LYS A 226 -24.50 -6.63 -14.06
N GLY A 227 -23.25 -6.20 -14.27
CA GLY A 227 -22.24 -6.26 -13.23
C GLY A 227 -21.68 -4.90 -12.87
N GLU A 228 -22.58 -3.94 -12.68
CA GLU A 228 -22.14 -2.58 -12.35
C GLU A 228 -21.66 -2.50 -10.90
N SER A 229 -22.34 -3.18 -9.98
CA SER A 229 -21.95 -3.14 -8.58
C SER A 229 -20.59 -3.79 -8.37
N MET A 230 -20.21 -4.74 -9.23
CA MET A 230 -18.92 -5.40 -9.08
C MET A 230 -17.77 -4.48 -9.51
N ALA A 231 -18.03 -3.59 -10.46
CA ALA A 231 -16.98 -2.67 -10.91
C ALA A 231 -16.70 -1.61 -9.85
N LEU A 232 -17.77 -1.03 -9.28
CA LEU A 232 -17.58 0.00 -8.26
C LEU A 232 -16.98 -0.59 -6.99
N ASN A 233 -17.36 -1.81 -6.64
CA ASN A 233 -16.77 -2.47 -5.48
C ASN A 233 -15.26 -2.54 -5.61
N GLU A 234 -14.78 -3.01 -6.77
CA GLU A 234 -13.34 -3.13 -6.98
C GLU A 234 -12.68 -1.74 -6.99
N LYS A 235 -13.27 -0.79 -7.72
CA LYS A 235 -12.69 0.54 -7.78
C LYS A 235 -12.66 1.18 -6.40
N GLN A 236 -13.67 0.93 -5.59
CA GLN A 236 -13.73 1.55 -4.26
C GLN A 236 -12.84 0.84 -3.25
N ILE A 237 -12.67 -0.48 -3.39
CA ILE A 237 -11.71 -1.19 -2.56
C ILE A 237 -10.30 -0.76 -2.92
N LEU A 238 -10.05 -0.51 -4.21
CA LEU A 238 -8.69 -0.17 -4.65
C LEU A 238 -8.28 1.22 -4.20
N GLU A 239 -9.21 2.18 -4.26
CA GLU A 239 -8.85 3.55 -3.85
C GLU A 239 -8.70 3.68 -2.35
N LYS A 240 -9.31 2.79 -1.57
CA LYS A 240 -9.18 2.86 -0.11
C LYS A 240 -7.90 2.19 0.37
N VAL A 241 -7.49 1.09 -0.28
CA VAL A 241 -6.27 0.40 0.13
C VAL A 241 -5.07 1.27 -0.24
N ASN A 242 -4.18 1.47 0.73
CA ASN A 242 -2.99 2.28 0.54
C ASN A 242 -1.77 1.47 0.98
N SER A 243 -1.58 0.32 0.35
CA SER A 243 -0.59 -0.65 0.77
C SER A 243 0.60 -0.66 -0.18
N GLN A 244 1.79 -0.87 0.38
CA GLN A 244 2.97 -1.12 -0.44
C GLN A 244 2.90 -2.46 -1.15
N PHE A 245 2.01 -3.36 -0.70
CA PHE A 245 1.98 -4.74 -1.16
C PHE A 245 0.63 -5.11 -1.80
N VAL A 246 -0.13 -4.10 -2.20
CA VAL A 246 -1.35 -4.30 -2.97
C VAL A 246 -1.39 -3.22 -4.06
N VAL A 247 -1.80 -3.61 -5.26
CA VAL A 247 -1.90 -2.64 -6.35
C VAL A 247 -2.83 -1.51 -5.92
N ASN A 248 -2.37 -0.28 -6.12
CA ASN A 248 -3.09 0.91 -5.70
C ASN A 248 -3.71 1.61 -6.91
N LEU A 249 -4.92 2.14 -6.71
CA LEU A 249 -5.59 2.92 -7.74
C LEU A 249 -5.06 4.35 -7.72
N ALA A 250 -4.67 4.85 -8.89
CA ALA A 250 -4.22 6.23 -9.05
C ALA A 250 -5.25 7.10 -9.76
N TYR A 251 -5.98 6.57 -10.73
CA TYR A 251 -6.98 7.33 -11.44
C TYR A 251 -8.16 6.44 -11.79
N ALA A 252 -9.34 7.04 -11.86
CA ALA A 252 -10.55 6.37 -12.34
C ALA A 252 -11.28 7.35 -13.24
N TYR A 253 -11.28 7.07 -14.54
CA TYR A 253 -11.92 7.95 -15.51
C TYR A 253 -12.74 7.13 -16.49
N GLU A 254 -13.67 7.80 -17.16
CA GLU A 254 -14.51 7.19 -18.18
C GLU A 254 -14.11 7.71 -19.54
N THR A 255 -14.02 6.82 -20.52
CA THR A 255 -13.75 7.19 -21.90
C THR A 255 -14.75 6.47 -22.81
N LYS A 256 -16.02 6.91 -22.76
CA LYS A 256 -17.01 6.71 -23.80
C LYS A 256 -16.64 5.45 -24.50
N ASP A 257 -17.17 4.27 -24.11
CA ASP A 257 -16.86 2.93 -24.63
C ASP A 257 -16.52 2.07 -23.43
N ALA A 258 -15.79 2.64 -22.46
CA ALA A 258 -15.25 1.86 -21.35
C ALA A 258 -14.92 2.74 -20.14
N LEU A 259 -14.92 2.13 -18.96
CA LEU A 259 -14.45 2.73 -17.72
C LEU A 259 -13.06 2.21 -17.40
N CYS A 260 -12.16 3.11 -17.02
CA CYS A 260 -10.75 2.77 -16.84
C CYS A 260 -10.33 2.84 -15.39
N LEU A 261 -9.37 1.98 -15.02
CA LEU A 261 -8.75 1.97 -13.70
C LEU A 261 -7.24 2.01 -13.90
N VAL A 262 -6.62 3.12 -13.51
CA VAL A 262 -5.18 3.29 -13.64
C VAL A 262 -4.51 2.72 -12.38
N LEU A 263 -3.63 1.75 -12.56
CA LEU A 263 -3.15 0.93 -11.46
C LEU A 263 -1.63 0.82 -11.48
N THR A 264 -1.11 0.34 -10.36
CA THR A 264 0.32 0.08 -10.24
C THR A 264 0.78 -0.86 -11.34
N ILE A 265 1.84 -0.48 -12.05
CA ILE A 265 2.41 -1.34 -13.08
C ILE A 265 3.36 -2.34 -12.43
N MET A 266 3.32 -3.58 -12.91
CA MET A 266 4.15 -4.67 -12.36
C MET A 266 4.74 -5.43 -13.54
N ASN A 267 6.01 -5.20 -13.82
CA ASN A 267 6.68 -5.79 -14.97
C ASN A 267 7.51 -7.01 -14.61
N GLY A 268 7.50 -7.44 -13.36
CA GLY A 268 8.30 -8.55 -12.92
C GLY A 268 7.67 -9.92 -13.03
N GLY A 269 6.51 -10.04 -13.68
CA GLY A 269 5.83 -11.32 -13.80
C GLY A 269 5.03 -11.67 -12.55
N ASP A 270 4.36 -12.80 -12.63
CA ASP A 270 3.55 -13.29 -11.52
C ASP A 270 4.23 -14.45 -10.82
N LEU A 271 3.77 -14.74 -9.61
CA LEU A 271 4.42 -15.74 -8.77
C LEU A 271 4.28 -17.14 -9.35
N LYS A 272 3.14 -17.44 -9.95
CA LYS A 272 2.96 -18.75 -10.59
C LYS A 272 4.10 -19.03 -11.57
N PHE A 273 4.41 -18.05 -12.42
CA PHE A 273 5.48 -18.24 -13.40
C PHE A 273 6.81 -18.51 -12.72
N HIS A 274 7.07 -17.84 -11.59
CA HIS A 274 8.33 -18.02 -10.90
C HIS A 274 8.37 -19.29 -10.06
N ILE A 275 7.22 -19.81 -9.64
CA ILE A 275 7.21 -21.10 -8.95
C ILE A 275 7.52 -22.25 -9.90
N TYR A 276 6.96 -22.20 -11.12
CA TYR A 276 6.98 -23.37 -11.99
C TYR A 276 7.92 -23.26 -13.19
N ASN A 277 8.11 -22.07 -13.74
CA ASN A 277 9.05 -21.94 -14.86
C ASN A 277 10.46 -21.60 -14.38
N MET A 278 10.57 -20.75 -13.35
CA MET A 278 11.86 -20.38 -12.78
C MET A 278 12.25 -21.22 -11.57
N GLY A 279 11.29 -21.91 -10.94
CA GLY A 279 11.54 -22.67 -9.75
C GLY A 279 11.92 -24.10 -10.04
N ASN A 280 11.97 -24.88 -8.97
CA ASN A 280 12.57 -26.21 -9.03
C ASN A 280 11.68 -27.35 -9.57
N PRO A 281 10.36 -27.23 -9.59
CA PRO A 281 9.48 -26.12 -9.17
C PRO A 281 9.54 -25.83 -7.67
N GLY A 282 9.17 -24.63 -7.27
CA GLY A 282 9.24 -24.22 -5.88
C GLY A 282 10.45 -23.36 -5.60
N PHE A 283 10.46 -22.78 -4.41
CA PHE A 283 11.52 -21.92 -3.94
C PHE A 283 12.17 -22.56 -2.71
N GLU A 284 13.38 -22.09 -2.39
CA GLU A 284 13.93 -22.33 -1.06
C GLU A 284 13.01 -21.71 -0.01
N GLU A 285 12.94 -22.34 1.16
CA GLU A 285 12.07 -21.83 2.22
C GLU A 285 12.33 -20.35 2.49
N GLU A 286 13.61 -19.96 2.62
CA GLU A 286 13.91 -18.57 2.93
C GLU A 286 13.40 -17.64 1.85
N ARG A 287 13.42 -18.08 0.58
CA ARG A 287 12.87 -17.24 -0.48
C ARG A 287 11.36 -17.13 -0.36
N ALA A 288 10.68 -18.25 -0.10
CA ALA A 288 9.23 -18.19 0.08
C ALA A 288 8.87 -17.38 1.31
N LEU A 289 9.72 -17.45 2.35
CA LEU A 289 9.53 -16.61 3.52
C LEU A 289 9.34 -15.15 3.12
N PHE A 290 10.19 -14.64 2.25
CA PHE A 290 10.15 -13.23 1.89
C PHE A 290 8.82 -12.88 1.23
N TYR A 291 8.39 -13.70 0.27
CA TYR A 291 7.13 -13.43 -0.41
C TYR A 291 5.96 -13.59 0.55
N ALA A 292 6.00 -14.61 1.42
CA ALA A 292 4.91 -14.76 2.38
C ALA A 292 4.83 -13.55 3.29
N ALA A 293 5.96 -13.06 3.76
CA ALA A 293 5.98 -11.86 4.61
C ALA A 293 5.28 -10.69 3.92
N GLU A 294 5.62 -10.45 2.64
CA GLU A 294 5.02 -9.33 1.93
C GLU A 294 3.54 -9.59 1.63
N ILE A 295 3.16 -10.84 1.35
CA ILE A 295 1.74 -11.12 1.12
C ILE A 295 0.96 -10.96 2.41
N LEU A 296 1.52 -11.39 3.54
CA LEU A 296 0.85 -11.20 4.82
C LEU A 296 0.63 -9.72 5.11
N CYS A 297 1.58 -8.87 4.74
CA CYS A 297 1.41 -7.43 4.95
C CYS A 297 0.33 -6.88 4.03
N GLY A 298 0.28 -7.34 2.79
CA GLY A 298 -0.83 -6.96 1.93
C GLY A 298 -2.17 -7.30 2.55
N LEU A 299 -2.34 -8.56 2.97
CA LEU A 299 -3.61 -8.97 3.59
C LEU A 299 -3.91 -8.14 4.82
N GLU A 300 -2.87 -7.77 5.58
CA GLU A 300 -3.08 -6.98 6.80
C GLU A 300 -3.62 -5.59 6.46
N ASP A 301 -3.11 -4.98 5.38
CA ASP A 301 -3.62 -3.67 4.96
C ASP A 301 -5.06 -3.78 4.51
N LEU A 302 -5.39 -4.81 3.74
CA LEU A 302 -6.77 -4.99 3.33
C LEU A 302 -7.68 -5.20 4.54
N HIS A 303 -7.21 -5.95 5.53
CA HIS A 303 -8.05 -6.25 6.69
C HIS A 303 -8.27 -5.01 7.56
N ARG A 304 -7.33 -4.08 7.57
CA ARG A 304 -7.57 -2.82 8.27
C ARG A 304 -8.83 -2.14 7.75
N GLU A 305 -9.09 -2.26 6.44
CA GLU A 305 -10.35 -1.83 5.85
C GLU A 305 -11.39 -2.94 5.88
N ASN A 306 -11.24 -3.92 6.78
CA ASN A 306 -12.18 -5.02 6.95
C ASN A 306 -12.64 -5.57 5.61
N THR A 307 -11.70 -5.71 4.68
CA THR A 307 -11.98 -6.17 3.32
C THR A 307 -11.31 -7.53 3.12
N VAL A 308 -12.04 -8.47 2.53
CA VAL A 308 -11.59 -9.83 2.35
C VAL A 308 -11.29 -10.06 0.87
N TYR A 309 -10.16 -10.71 0.60
CA TYR A 309 -9.63 -10.79 -0.76
C TYR A 309 -10.26 -11.92 -1.55
N ARG A 310 -10.13 -13.15 -1.05
CA ARG A 310 -10.78 -14.36 -1.55
C ARG A 310 -10.19 -14.89 -2.85
N ASN A 311 -9.17 -14.25 -3.42
CA ASN A 311 -8.64 -14.67 -4.72
C ASN A 311 -7.16 -15.05 -4.63
N LEU A 312 -6.69 -15.43 -3.44
CA LEU A 312 -5.26 -15.60 -3.22
C LEU A 312 -4.78 -16.85 -3.92
N LYS A 313 -4.10 -16.68 -5.05
CA LYS A 313 -3.47 -17.77 -5.79
C LYS A 313 -2.22 -17.23 -6.46
N PRO A 314 -1.30 -18.11 -6.86
CA PRO A 314 0.03 -17.62 -7.29
C PRO A 314 -0.02 -16.65 -8.45
N GLU A 315 -0.91 -16.86 -9.42
CA GLU A 315 -0.93 -15.97 -10.57
C GLU A 315 -1.40 -14.55 -10.23
N ASN A 316 -1.99 -14.35 -9.07
CA ASN A 316 -2.44 -13.03 -8.65
C ASN A 316 -1.41 -12.29 -7.82
N ILE A 317 -0.28 -12.89 -7.51
CA ILE A 317 0.82 -12.22 -6.83
C ILE A 317 1.82 -11.81 -7.90
N LEU A 318 1.93 -10.51 -8.15
CA LEU A 318 2.81 -9.99 -9.19
C LEU A 318 4.09 -9.44 -8.56
N LEU A 319 5.16 -9.43 -9.34
CA LEU A 319 6.42 -8.82 -8.96
C LEU A 319 6.60 -7.51 -9.71
N ASP A 320 7.34 -6.59 -9.11
CA ASP A 320 7.61 -5.30 -9.73
C ASP A 320 9.04 -5.31 -10.29
N ASP A 321 9.49 -4.13 -10.74
CA ASP A 321 10.81 -4.01 -11.33
C ASP A 321 11.92 -4.31 -10.34
N TYR A 322 11.64 -4.22 -9.04
CA TYR A 322 12.68 -4.43 -8.02
C TYR A 322 12.69 -5.83 -7.44
N GLY A 323 11.61 -6.59 -7.58
CA GLY A 323 11.50 -7.91 -6.99
C GLY A 323 10.46 -8.00 -5.88
N HIS A 324 9.88 -6.88 -5.45
CA HIS A 324 8.81 -6.91 -4.47
C HIS A 324 7.50 -7.34 -5.12
N ILE A 325 6.58 -7.83 -4.30
CA ILE A 325 5.32 -8.34 -4.81
C ILE A 325 4.18 -7.42 -4.40
N ARG A 326 3.07 -7.54 -5.11
CA ARG A 326 1.81 -6.91 -4.74
C ARG A 326 0.65 -7.83 -5.11
N ILE A 327 -0.38 -7.84 -4.27
CA ILE A 327 -1.62 -8.52 -4.61
C ILE A 327 -2.36 -7.71 -5.67
N SER A 328 -2.85 -8.39 -6.70
CA SER A 328 -3.29 -7.71 -7.92
C SER A 328 -4.79 -7.80 -8.16
N ASP A 329 -5.36 -8.99 -8.29
CA ASP A 329 -6.72 -9.12 -8.79
C ASP A 329 -7.72 -8.99 -7.64
N LEU A 330 -8.27 -7.78 -7.48
CA LEU A 330 -9.23 -7.52 -6.43
C LEU A 330 -10.67 -7.58 -6.93
N GLY A 331 -10.92 -8.31 -8.02
CA GLY A 331 -12.26 -8.38 -8.55
C GLY A 331 -13.24 -9.11 -7.65
N LEU A 332 -12.75 -10.04 -6.84
CA LEU A 332 -13.59 -10.79 -5.92
C LEU A 332 -13.54 -10.25 -4.50
N ALA A 333 -12.96 -9.07 -4.29
CA ALA A 333 -12.88 -8.50 -2.96
C ALA A 333 -14.19 -7.82 -2.59
N VAL A 334 -14.50 -7.84 -1.30
CA VAL A 334 -15.68 -7.17 -0.77
C VAL A 334 -15.34 -6.58 0.60
N LYS A 335 -15.98 -5.45 0.91
CA LYS A 335 -15.80 -4.79 2.19
C LYS A 335 -16.80 -5.37 3.19
N ILE A 336 -16.30 -6.10 4.18
CA ILE A 336 -17.15 -6.68 5.21
C ILE A 336 -17.54 -5.60 6.20
N PRO A 337 -18.84 -5.36 6.43
CA PRO A 337 -19.22 -4.44 7.50
C PRO A 337 -18.69 -4.91 8.85
N GLU A 338 -18.33 -3.95 9.70
CA GLU A 338 -17.77 -4.30 11.00
C GLU A 338 -18.78 -5.11 11.80
N GLY A 339 -18.33 -6.24 12.33
CA GLY A 339 -19.21 -7.13 13.07
C GLY A 339 -20.19 -7.88 12.21
N ASP A 340 -19.82 -8.20 10.97
CA ASP A 340 -20.69 -8.87 10.02
C ASP A 340 -19.96 -10.01 9.34
N LEU A 341 -20.74 -10.98 8.88
CA LEU A 341 -20.26 -12.07 8.05
C LEU A 341 -20.93 -12.00 6.70
N ILE A 342 -20.31 -12.63 5.71
CA ILE A 342 -20.83 -12.65 4.35
C ILE A 342 -20.92 -14.09 3.88
N ARG A 343 -21.66 -14.28 2.78
CA ARG A 343 -21.83 -15.58 2.14
C ARG A 343 -21.52 -15.40 0.67
N GLY A 344 -20.67 -16.27 0.13
CA GLY A 344 -20.19 -16.08 -1.23
C GLY A 344 -20.01 -17.32 -2.07
N ARG A 345 -19.01 -18.14 -1.73
CA ARG A 345 -18.61 -19.27 -2.58
C ARG A 345 -18.11 -18.73 -3.92
N VAL A 346 -16.90 -18.18 -3.92
CA VAL A 346 -16.26 -17.65 -5.11
C VAL A 346 -14.80 -18.03 -5.06
N GLY A 347 -14.12 -17.83 -6.18
CA GLY A 347 -12.70 -18.05 -6.25
C GLY A 347 -12.32 -19.06 -7.31
N THR A 348 -11.17 -19.71 -7.14
CA THR A 348 -10.63 -20.67 -8.10
C THR A 348 -10.61 -22.05 -7.46
N VAL A 349 -10.89 -23.07 -8.28
CA VAL A 349 -10.85 -24.43 -7.76
C VAL A 349 -9.47 -24.71 -7.20
N GLY A 350 -9.43 -25.28 -6.01
CA GLY A 350 -8.20 -25.59 -5.34
C GLY A 350 -7.72 -24.53 -4.38
N TYR A 351 -8.25 -23.32 -4.47
CA TYR A 351 -7.87 -22.21 -3.60
C TYR A 351 -9.08 -21.63 -2.88
N MET A 352 -10.08 -22.46 -2.58
CA MET A 352 -11.24 -22.04 -1.81
C MET A 352 -11.20 -22.72 -0.45
N ALA A 353 -11.21 -21.90 0.62
CA ALA A 353 -11.24 -22.44 1.97
C ALA A 353 -12.49 -23.31 2.16
N PRO A 354 -12.45 -24.25 3.10
CA PRO A 354 -13.62 -25.14 3.27
C PRO A 354 -14.90 -24.39 3.61
N GLU A 355 -14.82 -23.33 4.41
CA GLU A 355 -16.02 -22.55 4.72
C GLU A 355 -16.58 -21.86 3.48
N VAL A 356 -15.74 -21.62 2.47
CA VAL A 356 -16.24 -21.05 1.22
C VAL A 356 -16.83 -22.15 0.34
N LEU A 357 -16.20 -23.32 0.32
CA LEU A 357 -16.74 -24.44 -0.44
C LEU A 357 -18.14 -24.80 0.05
N ASN A 358 -18.33 -24.80 1.37
CA ASN A 358 -19.61 -25.18 1.96
C ASN A 358 -20.63 -24.04 1.93
N ASN A 359 -20.26 -22.86 1.42
CA ASN A 359 -21.17 -21.73 1.32
C ASN A 359 -21.63 -21.26 2.70
N GLN A 360 -20.76 -21.41 3.70
CA GLN A 360 -21.05 -20.92 5.03
C GLN A 360 -20.87 -19.40 5.10
N ARG A 361 -21.30 -18.81 6.21
CA ARG A 361 -21.00 -17.42 6.49
C ARG A 361 -19.61 -17.32 7.08
N TYR A 362 -18.77 -16.46 6.50
CA TYR A 362 -17.39 -16.33 6.91
C TYR A 362 -16.99 -14.86 6.99
N GLY A 363 -15.82 -14.62 7.57
CA GLY A 363 -15.26 -13.29 7.65
C GLY A 363 -13.99 -13.19 6.82
N LEU A 364 -12.87 -12.90 7.47
CA LEU A 364 -11.60 -12.76 6.80
C LEU A 364 -10.84 -14.07 6.67
N SER A 365 -11.38 -15.16 7.24
CA SER A 365 -10.62 -16.41 7.31
C SER A 365 -10.20 -16.96 5.95
N PRO A 366 -10.96 -16.80 4.86
CA PRO A 366 -10.51 -17.39 3.59
C PRO A 366 -9.13 -16.92 3.15
N ASP A 367 -8.73 -15.71 3.55
CA ASP A 367 -7.44 -15.19 3.09
C ASP A 367 -6.27 -15.85 3.82
N TYR A 368 -6.44 -16.19 5.10
CA TYR A 368 -5.37 -16.90 5.80
C TYR A 368 -5.26 -18.34 5.33
N TRP A 369 -6.38 -18.95 4.90
CA TRP A 369 -6.29 -20.23 4.22
C TRP A 369 -5.48 -20.10 2.93
N GLY A 370 -5.74 -19.05 2.16
CA GLY A 370 -5.00 -18.86 0.93
C GLY A 370 -3.53 -18.64 1.19
N LEU A 371 -3.21 -17.84 2.20
CA LEU A 371 -1.81 -17.68 2.57
C LEU A 371 -1.16 -19.03 2.82
N GLY A 372 -1.85 -19.90 3.56
CA GLY A 372 -1.35 -21.26 3.75
C GLY A 372 -1.09 -21.97 2.43
N CYS A 373 -2.07 -21.94 1.53
CA CYS A 373 -1.88 -22.56 0.23
C CYS A 373 -0.67 -21.98 -0.49
N LEU A 374 -0.47 -20.67 -0.38
CA LEU A 374 0.64 -20.02 -1.05
C LEU A 374 1.99 -20.44 -0.46
N ILE A 375 2.09 -20.45 0.87
CA ILE A 375 3.36 -20.82 1.50
C ILE A 375 3.69 -22.26 1.14
N TYR A 376 2.71 -23.15 1.27
CA TYR A 376 2.90 -24.54 0.89
C TYR A 376 3.35 -24.63 -0.56
N GLU A 377 2.62 -23.98 -1.46
CA GLU A 377 2.91 -24.14 -2.89
C GLU A 377 4.27 -23.59 -3.25
N MET A 378 4.71 -22.52 -2.60
CA MET A 378 6.03 -21.97 -2.88
C MET A 378 7.12 -22.94 -2.45
N ILE A 379 6.98 -23.55 -1.29
CA ILE A 379 8.01 -24.44 -0.78
C ILE A 379 8.03 -25.75 -1.58
N GLU A 380 6.85 -26.35 -1.80
CA GLU A 380 6.78 -27.71 -2.33
C GLU A 380 6.72 -27.77 -3.86
N GLY A 381 6.39 -26.68 -4.52
CA GLY A 381 6.27 -26.72 -5.97
C GLY A 381 5.03 -27.39 -6.48
N GLN A 382 4.00 -27.53 -5.65
CA GLN A 382 2.71 -28.05 -6.08
C GLN A 382 1.69 -27.69 -5.00
N SER A 383 0.41 -27.83 -5.36
CA SER A 383 -0.66 -27.53 -4.43
C SER A 383 -0.74 -28.60 -3.34
N PRO A 384 -1.18 -28.23 -2.13
CA PRO A 384 -1.26 -29.23 -1.04
C PRO A 384 -2.38 -30.25 -1.24
N PHE A 385 -3.33 -30.02 -2.14
CA PHE A 385 -4.43 -30.96 -2.36
C PHE A 385 -4.52 -31.43 -3.81
N ARG A 386 -3.63 -30.98 -4.68
CA ARG A 386 -3.54 -31.49 -6.04
C ARG A 386 -2.07 -31.63 -6.39
N GLY A 387 -1.68 -32.79 -6.90
CA GLY A 387 -0.31 -33.00 -7.32
C GLY A 387 -0.04 -32.32 -8.65
N ARG A 388 1.16 -31.75 -8.77
CA ARG A 388 1.57 -31.14 -10.03
C ARG A 388 1.42 -32.13 -11.17
N LYS A 389 1.71 -33.40 -10.92
CA LYS A 389 1.62 -34.45 -11.93
C LYS A 389 0.41 -35.33 -11.69
N GLU A 390 -0.76 -34.72 -11.47
CA GLU A 390 -1.95 -35.46 -11.08
C GLU A 390 -3.14 -34.96 -11.88
N LYS A 391 -3.81 -35.86 -12.60
CA LYS A 391 -5.02 -35.55 -13.33
C LYS A 391 -6.21 -35.96 -12.45
N VAL A 392 -6.84 -34.96 -11.83
CA VAL A 392 -7.94 -35.17 -10.91
C VAL A 392 -9.05 -34.18 -11.21
N LYS A 393 -10.29 -34.62 -11.01
CA LYS A 393 -11.44 -33.76 -11.23
C LYS A 393 -11.77 -32.96 -9.97
N ARG A 394 -12.62 -31.94 -10.15
CA ARG A 394 -12.84 -30.95 -9.10
C ARG A 394 -13.54 -31.57 -7.90
N GLU A 395 -14.36 -32.60 -8.12
CA GLU A 395 -15.02 -33.26 -7.00
C GLU A 395 -14.00 -33.77 -5.99
N GLU A 396 -12.91 -34.39 -6.48
CA GLU A 396 -11.91 -34.96 -5.58
C GLU A 396 -11.05 -33.87 -4.97
N VAL A 397 -10.67 -32.85 -5.73
CA VAL A 397 -9.91 -31.74 -5.17
C VAL A 397 -10.68 -31.10 -4.02
N ASP A 398 -11.95 -30.77 -4.25
CA ASP A 398 -12.77 -30.16 -3.19
C ASP A 398 -12.94 -31.11 -2.02
N ARG A 399 -13.25 -32.37 -2.29
CA ARG A 399 -13.31 -33.34 -1.20
C ARG A 399 -12.03 -33.34 -0.39
N ARG A 400 -10.89 -33.20 -1.06
CA ARG A 400 -9.61 -33.19 -0.34
C ARG A 400 -9.48 -31.95 0.52
N VAL A 401 -9.83 -30.78 -0.03
CA VAL A 401 -9.76 -29.55 0.75
C VAL A 401 -10.63 -29.62 1.99
N LEU A 402 -11.62 -30.53 2.00
CA LEU A 402 -12.56 -30.61 3.10
C LEU A 402 -12.28 -31.75 4.06
N GLU A 403 -11.43 -32.70 3.69
CA GLU A 403 -11.41 -33.96 4.44
C GLU A 403 -10.02 -34.48 4.78
N THR A 404 -9.04 -34.25 3.92
CA THR A 404 -7.73 -34.85 4.11
C THR A 404 -6.72 -33.85 4.66
N GLU A 405 -5.85 -34.34 5.53
CA GLU A 405 -4.75 -33.53 6.05
C GLU A 405 -3.61 -33.49 5.04
N GLU A 406 -3.20 -32.27 4.67
CA GLU A 406 -2.06 -32.14 3.76
C GLU A 406 -0.81 -32.68 4.43
N VAL A 407 0.10 -33.18 3.61
CA VAL A 407 1.33 -33.80 4.09
C VAL A 407 2.52 -32.98 3.60
N TYR A 408 3.56 -32.95 4.42
CA TYR A 408 4.74 -32.13 4.18
C TYR A 408 5.96 -33.01 3.90
N SER A 409 7.07 -32.36 3.60
CA SER A 409 8.28 -33.05 3.20
C SER A 409 9.48 -32.38 3.87
N HIS A 410 10.68 -32.87 3.53
CA HIS A 410 11.92 -32.31 4.06
C HIS A 410 12.24 -30.94 3.47
N LYS A 411 11.41 -30.42 2.57
CA LYS A 411 11.57 -29.05 2.14
C LYS A 411 11.09 -28.05 3.18
N PHE A 412 10.34 -28.52 4.17
CA PHE A 412 9.78 -27.67 5.22
C PHE A 412 10.56 -27.86 6.51
N SER A 413 11.03 -26.76 7.09
CA SER A 413 11.44 -26.80 8.48
C SER A 413 10.20 -27.04 9.35
N GLU A 414 10.44 -27.46 10.60
CA GLU A 414 9.32 -27.62 11.53
C GLU A 414 8.48 -26.34 11.61
N GLU A 415 9.15 -25.18 11.58
CA GLU A 415 8.42 -23.92 11.61
C GLU A 415 7.54 -23.76 10.37
N ALA A 416 8.06 -24.11 9.19
CA ALA A 416 7.27 -23.96 7.97
C ALA A 416 6.07 -24.92 7.98
N LYS A 417 6.31 -26.19 8.33
CA LYS A 417 5.20 -27.13 8.51
C LYS A 417 4.14 -26.53 9.44
N SER A 418 4.56 -26.04 10.60
CA SER A 418 3.62 -25.54 11.60
C SER A 418 2.71 -24.46 11.03
N ILE A 419 3.29 -23.41 10.45
CA ILE A 419 2.47 -22.29 10.00
C ILE A 419 1.54 -22.73 8.87
N CYS A 420 2.02 -23.61 7.99
CA CYS A 420 1.17 -24.03 6.87
C CYS A 420 -0.04 -24.81 7.36
N LYS A 421 0.16 -25.72 8.31
CA LYS A 421 -0.98 -26.48 8.82
C LYS A 421 -1.85 -25.65 9.75
N MET A 422 -1.27 -24.71 10.49
CA MET A 422 -2.09 -23.78 11.26
C MET A 422 -2.95 -22.92 10.35
N LEU A 423 -2.37 -22.44 9.24
CA LEU A 423 -3.13 -21.65 8.28
C LEU A 423 -4.09 -22.52 7.47
N LEU A 424 -3.80 -23.82 7.34
CA LEU A 424 -4.66 -24.75 6.63
C LEU A 424 -5.58 -25.53 7.55
N THR A 425 -5.83 -25.00 8.75
CA THR A 425 -6.82 -25.60 9.64
C THR A 425 -8.19 -25.54 8.97
N LYS A 426 -8.84 -26.71 8.89
CA LYS A 426 -10.15 -26.77 8.25
C LYS A 426 -11.15 -25.85 8.93
N ASP A 427 -11.08 -25.75 10.26
CA ASP A 427 -12.04 -24.98 11.04
C ASP A 427 -11.55 -23.55 11.16
N ALA A 428 -12.29 -22.62 10.55
CA ALA A 428 -11.88 -21.22 10.57
C ALA A 428 -11.79 -20.66 11.98
N LYS A 429 -12.51 -21.25 12.94
CA LYS A 429 -12.47 -20.75 14.31
C LYS A 429 -11.10 -20.98 14.95
N GLN A 430 -10.39 -22.03 14.54
CA GLN A 430 -9.12 -22.40 15.15
C GLN A 430 -7.94 -22.10 14.22
N ARG A 431 -8.16 -21.39 13.13
CA ARG A 431 -7.14 -21.13 12.14
C ARG A 431 -6.31 -19.90 12.49
N LEU A 432 -5.04 -19.96 12.13
CA LEU A 432 -4.11 -18.89 12.47
C LEU A 432 -4.55 -17.57 11.84
N GLY A 433 -4.53 -16.51 12.63
CA GLY A 433 -4.88 -15.20 12.14
C GLY A 433 -6.36 -14.90 12.14
N CYS A 434 -7.20 -15.87 12.50
CA CYS A 434 -8.64 -15.69 12.49
C CYS A 434 -9.21 -15.40 13.88
N GLN A 435 -8.37 -15.05 14.83
CA GLN A 435 -8.82 -14.63 16.15
C GLN A 435 -8.93 -13.10 16.17
N GLU A 436 -9.17 -12.53 17.36
CA GLU A 436 -9.27 -11.08 17.47
C GLU A 436 -7.94 -10.39 17.21
N GLU A 437 -6.82 -11.11 17.31
CA GLU A 437 -5.51 -10.49 17.13
C GLU A 437 -5.18 -10.23 15.67
N GLY A 438 -5.76 -10.98 14.75
CA GLY A 438 -5.57 -10.69 13.34
C GLY A 438 -4.20 -11.11 12.84
N ALA A 439 -3.64 -10.32 11.93
CA ALA A 439 -2.40 -10.70 11.27
C ALA A 439 -1.24 -10.75 12.24
N ALA A 440 -1.28 -9.96 13.32
CA ALA A 440 -0.19 -9.98 14.29
C ALA A 440 0.09 -11.38 14.77
N GLU A 441 -0.96 -12.20 14.94
CA GLU A 441 -0.75 -13.57 15.38
C GLU A 441 0.06 -14.37 14.37
N VAL A 442 -0.06 -14.03 13.09
CA VAL A 442 0.71 -14.74 12.06
C VAL A 442 2.17 -14.26 12.06
N LYS A 443 2.38 -12.95 12.27
CA LYS A 443 3.74 -12.42 12.28
C LYS A 443 4.55 -12.93 13.47
N ARG A 444 3.88 -13.24 14.59
CA ARG A 444 4.54 -13.81 15.74
C ARG A 444 4.94 -15.27 15.53
N HIS A 445 4.40 -15.94 14.51
CA HIS A 445 4.66 -17.36 14.33
C HIS A 445 6.15 -17.62 14.13
N PRO A 446 6.69 -18.69 14.73
CA PRO A 446 8.13 -18.94 14.60
C PRO A 446 8.62 -19.05 13.16
N PHE A 447 7.71 -19.14 12.18
CA PHE A 447 8.14 -19.23 10.78
C PHE A 447 8.74 -17.91 10.32
N PHE A 448 8.30 -16.78 10.88
CA PHE A 448 8.87 -15.47 10.63
C PHE A 448 9.86 -15.07 11.73
N ARG A 449 10.40 -16.04 12.46
CA ARG A 449 11.28 -15.72 13.59
C ARG A 449 12.49 -14.90 13.15
N ASN A 450 12.96 -15.10 11.92
CA ASN A 450 14.10 -14.37 11.39
C ASN A 450 13.70 -13.21 10.49
N MET A 451 12.43 -12.82 10.54
CA MET A 451 11.90 -11.77 9.68
C MET A 451 11.65 -10.52 10.50
N ASN A 452 12.25 -9.41 10.09
CA ASN A 452 12.06 -8.11 10.73
C ASN A 452 11.05 -7.34 9.89
N PHE A 453 9.84 -7.18 10.42
CA PHE A 453 8.76 -6.62 9.60
C PHE A 453 8.89 -5.10 9.45
N LYS A 454 9.31 -4.39 10.50
CA LYS A 454 9.53 -2.95 10.35
C LYS A 454 10.46 -2.67 9.18
N ARG A 455 11.55 -3.44 9.06
CA ARG A 455 12.48 -3.23 7.95
C ARG A 455 11.85 -3.63 6.63
N LEU A 456 11.14 -4.75 6.62
CA LEU A 456 10.43 -5.15 5.39
C LEU A 456 9.45 -4.08 4.94
N GLU A 457 8.59 -3.63 5.86
CA GLU A 457 7.61 -2.61 5.51
C GLU A 457 8.28 -1.33 5.03
N ALA A 458 9.45 -1.01 5.56
CA ALA A 458 10.23 0.13 5.10
C ALA A 458 10.99 -0.15 3.81
N GLY A 459 10.80 -1.32 3.22
CA GLY A 459 11.50 -1.63 1.98
C GLY A 459 13.00 -1.72 2.11
N MET A 460 13.49 -2.26 3.22
CA MET A 460 14.93 -2.30 3.48
C MET A 460 15.54 -3.69 3.27
N LEU A 461 14.74 -4.74 3.14
CA LEU A 461 15.23 -6.09 2.91
C LEU A 461 15.26 -6.36 1.41
N ASP A 462 16.43 -6.72 0.90
CA ASP A 462 16.58 -6.96 -0.54
C ASP A 462 15.71 -8.12 -0.99
N PRO A 463 14.92 -7.97 -2.06
CA PRO A 463 14.19 -9.12 -2.60
C PRO A 463 15.15 -10.20 -3.01
N PRO A 464 14.71 -11.47 -3.00
CA PRO A 464 15.59 -12.57 -3.38
C PRO A 464 15.79 -12.71 -4.88
N PHE A 465 14.89 -12.20 -5.70
CA PHE A 465 15.03 -12.25 -7.15
C PHE A 465 14.70 -10.88 -7.72
N VAL A 466 15.58 -10.37 -8.58
CA VAL A 466 15.40 -9.07 -9.21
C VAL A 466 15.14 -9.31 -10.69
N PRO A 467 13.95 -8.98 -11.21
CA PRO A 467 13.73 -9.09 -12.66
C PRO A 467 14.67 -8.18 -13.43
N ASP A 468 15.14 -8.66 -14.58
CA ASP A 468 15.94 -7.82 -15.46
C ASP A 468 15.04 -6.82 -16.19
N PRO A 469 15.45 -5.55 -16.27
CA PRO A 469 14.57 -4.55 -16.91
C PRO A 469 14.10 -4.96 -18.29
N ARG A 470 14.99 -5.53 -19.10
CA ARG A 470 14.66 -5.88 -20.48
C ARG A 470 13.80 -7.13 -20.61
N ALA A 471 13.55 -7.84 -19.51
CA ALA A 471 12.88 -9.12 -19.58
C ALA A 471 11.36 -8.95 -19.70
N VAL A 472 10.69 -10.06 -19.99
CA VAL A 472 9.24 -10.11 -20.06
C VAL A 472 8.79 -11.47 -19.53
N TYR A 473 8.52 -11.55 -18.22
CA TYR A 473 8.25 -12.82 -17.55
C TYR A 473 6.77 -13.14 -17.64
N CYS A 474 6.37 -13.77 -18.73
CA CYS A 474 4.99 -14.18 -18.93
C CYS A 474 4.88 -15.17 -20.09
N ASN A 490 -28.19 2.35 -23.79
CA ASN A 490 -27.05 3.21 -24.10
C ASN A 490 -27.27 4.62 -23.55
N LEU A 491 -28.12 5.40 -24.23
CA LEU A 491 -28.45 6.73 -23.75
C LEU A 491 -29.14 6.71 -22.39
N ASP A 492 -29.58 5.53 -21.93
CA ASP A 492 -30.29 5.43 -20.66
C ASP A 492 -29.52 6.15 -19.56
N HIS A 493 -30.22 7.02 -18.82
CA HIS A 493 -29.57 7.76 -17.75
C HIS A 493 -29.27 6.88 -16.53
N THR A 494 -29.93 5.73 -16.42
CA THR A 494 -29.61 4.81 -15.33
C THR A 494 -28.12 4.45 -15.35
N ASP A 495 -27.52 4.38 -16.54
CA ASP A 495 -26.08 4.16 -16.65
C ASP A 495 -25.29 5.43 -16.33
N ASP A 496 -25.90 6.60 -16.47
CA ASP A 496 -25.17 7.85 -16.25
C ASP A 496 -24.85 8.04 -14.78
N ASP A 497 -25.77 7.69 -13.88
CA ASP A 497 -25.49 7.81 -12.46
C ASP A 497 -24.39 6.85 -12.03
N PHE A 498 -24.26 5.72 -12.71
CA PHE A 498 -23.21 4.76 -12.38
C PHE A 498 -21.85 5.26 -12.85
N TYR A 499 -21.79 5.88 -14.04
CA TYR A 499 -20.53 6.41 -14.52
C TYR A 499 -20.03 7.55 -13.65
N SER A 500 -20.94 8.29 -13.00
CA SER A 500 -20.52 9.45 -12.22
C SER A 500 -19.87 9.02 -10.91
N LYS A 501 -20.41 8.00 -10.25
CA LYS A 501 -19.81 7.51 -9.02
C LYS A 501 -18.49 6.78 -9.27
N PHE A 502 -18.29 6.25 -10.47
CA PHE A 502 -17.04 5.56 -10.79
C PHE A 502 -15.94 6.57 -11.12
N SER A 503 -16.23 7.52 -12.01
CA SER A 503 -15.20 8.40 -12.56
C SER A 503 -14.88 9.54 -11.59
N THR A 504 -14.43 9.14 -10.40
CA THR A 504 -14.04 10.10 -9.38
C THR A 504 -12.74 10.81 -9.72
N GLY A 505 -11.97 10.30 -10.66
CA GLY A 505 -10.75 10.94 -11.06
C GLY A 505 -9.53 10.53 -10.26
N SER A 506 -8.70 11.51 -9.89
CA SER A 506 -7.45 11.21 -9.23
C SER A 506 -7.66 10.68 -7.81
N VAL A 507 -6.75 9.82 -7.39
CA VAL A 507 -6.68 9.34 -6.01
C VAL A 507 -5.60 10.14 -5.29
N SER A 508 -5.94 10.69 -4.13
CA SER A 508 -5.15 11.78 -3.56
C SER A 508 -3.72 11.33 -3.26
N ILE A 509 -3.58 10.30 -2.44
CA ILE A 509 -2.25 9.90 -1.99
C ILE A 509 -1.42 9.38 -3.15
N PRO A 510 -1.93 8.45 -3.96
CA PRO A 510 -1.15 8.02 -5.14
C PRO A 510 -0.75 9.17 -6.04
N TRP A 511 -1.66 10.12 -6.29
CA TRP A 511 -1.35 11.26 -7.15
C TRP A 511 -0.20 12.08 -6.58
N GLN A 512 -0.29 12.44 -5.30
CA GLN A 512 0.78 13.23 -4.70
C GLN A 512 2.11 12.50 -4.77
N ASN A 513 2.10 11.20 -4.50
CA ASN A 513 3.32 10.40 -4.63
C ASN A 513 3.84 10.40 -6.06
N GLU A 514 2.93 10.35 -7.05
CA GLU A 514 3.38 10.45 -8.44
C GLU A 514 4.11 11.77 -8.68
N MET A 515 3.58 12.89 -8.17
CA MET A 515 4.25 14.17 -8.36
C MET A 515 5.65 14.15 -7.72
N ILE A 516 5.80 13.45 -6.60
CA ILE A 516 7.09 13.42 -5.93
C ILE A 516 8.07 12.54 -6.68
N GLU A 517 7.66 11.31 -7.01
CA GLU A 517 8.53 10.39 -7.74
C GLU A 517 9.11 11.04 -8.99
N THR A 518 8.23 11.53 -9.87
CA THR A 518 8.66 12.11 -11.15
C THR A 518 9.45 13.41 -10.97
N GLU A 519 9.60 13.90 -9.74
CA GLU A 519 10.29 15.15 -9.46
C GLU A 519 9.55 16.38 -10.00
N CYS A 520 8.26 16.24 -10.36
CA CYS A 520 7.47 17.41 -10.69
C CYS A 520 7.26 18.29 -9.48
N PHE A 521 7.23 17.69 -8.28
CA PHE A 521 7.10 18.49 -7.06
C PHE A 521 8.39 19.24 -6.75
N LYS A 522 9.51 18.51 -6.67
CA LYS A 522 10.79 19.15 -6.42
C LYS A 522 11.04 20.28 -7.40
N GLU A 523 10.63 20.10 -8.65
CA GLU A 523 10.93 21.08 -9.68
C GLU A 523 9.99 22.28 -9.61
N LEU A 524 8.70 22.06 -9.34
CA LEU A 524 7.74 23.16 -9.35
C LEU A 524 7.61 23.84 -8.00
N ASN A 525 7.93 23.14 -6.91
CA ASN A 525 7.69 23.68 -5.56
C ASN A 525 8.80 24.67 -5.22
N VAL A 526 8.78 25.80 -5.93
CA VAL A 526 9.76 26.86 -5.75
C VAL A 526 9.05 28.08 -5.19
N PHE A 527 9.72 28.79 -4.30
CA PHE A 527 9.20 30.00 -3.70
C PHE A 527 10.04 31.20 -4.13
N GLY A 528 9.87 32.32 -3.46
CA GLY A 528 10.55 33.54 -3.81
C GLY A 528 11.99 33.56 -3.37
N PRO A 529 12.81 34.41 -4.01
CA PRO A 529 14.23 34.50 -3.64
C PRO A 529 14.42 35.08 -2.24
N ASN A 530 14.91 34.26 -1.31
CA ASN A 530 15.11 34.63 0.08
C ASN A 530 13.80 34.55 0.84
N GLY A 531 13.10 33.42 0.72
CA GLY A 531 11.89 33.20 1.49
C GLY A 531 10.81 34.23 1.27
N THR A 532 10.81 34.90 0.12
CA THR A 532 9.75 35.84 -0.23
C THR A 532 8.62 35.08 -0.95
N LEU A 533 7.47 35.72 -1.02
CA LEU A 533 6.31 35.11 -1.63
C LEU A 533 6.44 35.18 -3.15
N PRO A 534 6.39 34.06 -3.87
CA PRO A 534 6.38 34.13 -5.33
C PRO A 534 5.09 34.75 -5.84
N PRO A 535 5.07 35.16 -7.11
CA PRO A 535 3.86 35.83 -7.62
C PRO A 535 2.59 35.01 -7.45
N ASP A 536 2.67 33.68 -7.61
CA ASP A 536 1.49 32.84 -7.57
C ASP A 536 0.88 32.73 -6.17
N LEU A 537 1.60 33.16 -5.13
CA LEU A 537 1.10 33.09 -3.77
C LEU A 537 0.82 34.45 -3.16
N ASN A 538 0.97 35.53 -3.91
CA ASN A 538 0.72 36.88 -3.42
C ASN A 538 -0.63 37.33 -3.98
N ARG A 539 -1.59 37.54 -3.11
CA ARG A 539 -2.94 37.91 -3.52
C ARG A 539 -3.04 39.32 -4.06
N ASN A 540 -1.94 40.01 -4.30
CA ASN A 540 -1.99 41.40 -4.74
C ASN A 540 -1.96 41.54 -6.26
N HIS A 541 -1.12 40.77 -6.93
CA HIS A 541 -1.01 40.82 -8.39
C HIS A 541 -1.21 39.41 -8.94
N PRO A 542 -2.42 39.10 -9.47
CA PRO A 542 -2.65 37.77 -10.06
C PRO A 542 -2.11 37.65 -11.49
#